data_3CL5
#
_entry.id   3CL5
#
_cell.length_a   89.240
_cell.length_b   89.240
_cell.length_c   280.380
_cell.angle_alpha   90.00
_cell.angle_beta   90.00
_cell.angle_gamma   120.00
#
_symmetry.space_group_name_H-M   'P 65 2 2'
#
loop_
_entity.id
_entity.type
_entity.pdbx_description
1 polymer Hemagglutinin-esterase
2 branched 2-acetamido-2-deoxy-beta-D-glucopyranose-(1-4)-2-acetamido-2-deoxy-beta-D-glucopyranose
3 non-polymer 2-acetamido-2-deoxy-beta-D-glucopyranose
4 non-polymer 'methyl 4,9-di-O-acetyl-5-acetamido-3,5-dideoxy-D-glycero-alpha-D-galacto-non-2-ulopyranosidonic acid'
5 non-polymer 'POTASSIUM ION'
6 non-polymer 'ACETIC ACID'
7 water water
#
_entity_poly.entity_id   1
_entity_poly.type   'polypeptide(L)'
_entity_poly.pdbx_seq_one_letter_code
;FDNPPTNVVSHLNGDWFLFGDARSDCNHVVNTNPRNYSYMDLNPALCDSGKISSKAGNSIFRSFHFTDFYNYTGEGQQII
FYEGVNFTPYHAFKCTTSGSNDIWMQNKGLFYTQVYKNMAVYRSLTFVNVPYVYNGSAQSTALCKSGSLVLNNPAYIARE
ANFGDYYYKVEADFYLSGCDEYIVPLCIFNGKFLSNTKYYDDSQYYFNKDTGVIYGLNSTETITTGFDFNCHYLVLPSGN
YLAISNELLLTVPTKAICLNKRKDFTPVQVVDSRWNNARQSDNMTAVACQPPYCYFRNSTTNYVGVYDINHGDAGFTSIL
SGLLYDSPCFSQQGVFRYDNVSSVWPLYSYGRCPTAADINTPDVPICVYDSDPLVPR
;
_entity_poly.pdbx_strand_id   A
#
loop_
_chem_comp.id
_chem_comp.type
_chem_comp.name
_chem_comp.formula
ACY non-polymer 'ACETIC ACID' 'C2 H4 O2'
K non-polymer 'POTASSIUM ION' 'K 1'
NAG D-saccharide, beta linking 2-acetamido-2-deoxy-beta-D-glucopyranose 'C8 H15 N O6'
SIO D-saccharide, alpha linking 'methyl 4,9-di-O-acetyl-5-acetamido-3,5-dideoxy-D-glycero-alpha-D-galacto-non-2-ulopyranosidonic acid' 'C16 H25 N O11'
#
# COMPACT_ATOMS: atom_id res chain seq x y z
N PHE A 1 -40.47 5.30 -6.77
CA PHE A 1 -39.21 5.47 -5.95
C PHE A 1 -38.28 4.30 -6.13
N ASP A 2 -37.00 4.65 -6.16
CA ASP A 2 -35.94 3.71 -6.48
C ASP A 2 -34.73 3.96 -5.57
N ASN A 3 -34.28 2.92 -4.87
CA ASN A 3 -33.11 3.05 -3.97
C ASN A 3 -32.14 1.88 -4.17
N PRO A 4 -31.53 1.80 -5.35
CA PRO A 4 -30.65 0.67 -5.63
C PRO A 4 -29.27 0.87 -5.01
N PRO A 5 -28.49 -0.20 -4.86
CA PRO A 5 -27.09 0.04 -4.47
C PRO A 5 -26.36 0.65 -5.63
N THR A 6 -25.62 1.72 -5.37
CA THR A 6 -24.94 2.40 -6.44
C THR A 6 -23.44 2.20 -6.37
N ASN A 7 -22.85 2.16 -7.56
CA ASN A 7 -21.42 1.85 -7.76
C ASN A 7 -20.58 3.11 -7.67
N VAL A 8 -20.55 3.64 -6.46
CA VAL A 8 -19.75 4.83 -6.14
C VAL A 8 -18.99 4.67 -4.82
N VAL A 9 -17.99 5.52 -4.68
CA VAL A 9 -17.45 5.80 -3.35
C VAL A 9 -18.03 7.14 -2.90
N SER A 10 -18.30 7.21 -1.62
CA SER A 10 -18.96 8.38 -1.05
C SER A 10 -18.59 8.50 0.43
N HIS A 11 -19.37 9.28 1.15
CA HIS A 11 -19.11 9.52 2.55
C HIS A 11 -20.36 9.88 3.30
N LEU A 12 -20.41 9.42 4.55
CA LEU A 12 -21.59 9.61 5.40
C LEU A 12 -21.75 11.07 5.76
N ASN A 13 -20.63 11.70 6.03
CA ASN A 13 -20.60 13.13 6.33
C ASN A 13 -19.29 13.67 5.80
N GLY A 14 -18.85 14.82 6.29
CA GLY A 14 -17.63 15.47 5.78
C GLY A 14 -16.30 14.88 6.23
N ASP A 15 -16.38 13.88 7.11
CA ASP A 15 -15.19 13.32 7.78
C ASP A 15 -14.68 12.12 6.99
N TRP A 16 -13.97 12.43 5.91
CA TRP A 16 -13.42 11.44 5.01
C TRP A 16 -12.10 11.89 4.41
N PHE A 17 -11.42 10.95 3.82
CA PHE A 17 -10.13 11.20 3.19
C PHE A 17 -9.82 10.19 2.08
N LEU A 18 -9.26 10.72 0.99
CA LEU A 18 -8.86 9.93 -0.16
C LEU A 18 -7.36 9.97 -0.42
N PHE A 19 -6.82 8.77 -0.59
CA PHE A 19 -5.45 8.57 -1.05
C PHE A 19 -5.44 8.10 -2.50
N GLY A 20 -4.61 8.73 -3.32
CA GLY A 20 -4.56 8.41 -4.74
C GLY A 20 -3.30 8.70 -5.50
N ASP A 21 -3.49 8.74 -6.81
CA ASP A 21 -2.43 8.97 -7.77
C ASP A 21 -2.81 10.09 -8.76
N ALA A 22 -2.26 10.02 -9.96
CA ALA A 22 -2.45 11.14 -10.91
C ALA A 22 -3.94 11.37 -11.14
N ARG A 23 -4.70 10.30 -11.09
CA ARG A 23 -6.11 10.38 -11.44
C ARG A 23 -6.90 11.14 -10.39
N SER A 24 -6.23 11.51 -9.30
CA SER A 24 -6.87 12.37 -8.28
C SER A 24 -5.92 13.40 -7.68
N ASP A 25 -4.90 13.72 -8.45
CA ASP A 25 -3.82 14.65 -8.05
C ASP A 25 -4.04 16.02 -8.66
N CYS A 26 -4.66 16.88 -7.88
CA CYS A 26 -4.99 18.24 -8.34
C CYS A 26 -3.76 19.04 -8.73
N ASN A 27 -2.63 18.72 -8.09
CA ASN A 27 -1.42 19.52 -8.28
C ASN A 27 -0.75 19.25 -9.61
N HIS A 28 -1.09 18.12 -10.17
CA HIS A 28 -0.43 17.65 -11.38
C HIS A 28 -0.67 18.63 -12.53
N VAL A 29 -1.75 19.38 -12.37
CA VAL A 29 -2.24 20.21 -13.48
C VAL A 29 -1.16 21.22 -13.87
N VAL A 30 -0.31 21.57 -12.91
CA VAL A 30 0.71 22.58 -13.15
C VAL A 30 1.74 22.04 -14.12
N ASN A 31 1.69 20.72 -14.30
CA ASN A 31 2.67 20.03 -15.16
C ASN A 31 2.02 19.54 -16.44
N THR A 32 0.87 20.14 -16.74
CA THR A 32 0.22 19.96 -18.02
C THR A 32 0.30 21.26 -18.79
N ASN A 33 0.45 21.15 -20.10
CA ASN A 33 0.51 22.34 -20.95
C ASN A 33 -0.16 22.11 -22.30
N PRO A 34 -1.21 22.87 -22.58
CA PRO A 34 -1.71 23.84 -21.61
C PRO A 34 -2.39 23.15 -20.44
N ARG A 35 -2.67 23.92 -19.40
CA ARG A 35 -3.27 23.36 -18.19
C ARG A 35 -4.64 22.75 -18.49
N ASN A 36 -4.77 21.52 -18.04
CA ASN A 36 -5.93 20.70 -18.38
C ASN A 36 -6.19 19.68 -17.30
N TYR A 37 -7.41 19.66 -16.76
CA TYR A 37 -7.76 18.75 -15.63
C TYR A 37 -8.30 17.40 -16.10
N SER A 38 -8.33 17.17 -17.41
CA SER A 38 -9.03 16.00 -17.95
C SER A 38 -8.30 14.67 -17.65
N TYR A 39 -7.10 14.77 -17.09
CA TYR A 39 -6.31 13.56 -16.70
C TYR A 39 -6.87 12.92 -15.44
N MET A 40 -7.76 13.67 -14.79
CA MET A 40 -8.37 13.22 -13.54
C MET A 40 -9.68 12.51 -13.70
N ASP A 41 -9.87 11.53 -12.81
CA ASP A 41 -11.17 10.88 -12.61
C ASP A 41 -11.94 11.57 -11.46
N LEU A 42 -11.19 12.18 -10.56
CA LEU A 42 -11.77 12.97 -9.50
C LEU A 42 -12.33 14.25 -10.10
N ASN A 43 -13.43 14.73 -9.55
CA ASN A 43 -13.96 16.03 -9.96
C ASN A 43 -13.11 17.18 -9.41
N PRO A 44 -12.64 18.08 -10.30
CA PRO A 44 -11.79 19.15 -9.78
C PRO A 44 -12.45 20.04 -8.76
N ALA A 45 -13.77 19.99 -8.67
CA ALA A 45 -14.45 20.80 -7.67
C ALA A 45 -14.01 20.41 -6.26
N LEU A 46 -13.41 19.23 -6.15
CA LEU A 46 -12.93 18.72 -4.83
C LEU A 46 -11.49 19.13 -4.53
N CYS A 47 -10.91 19.92 -5.42
CA CYS A 47 -9.47 20.27 -5.31
C CYS A 47 -9.11 21.12 -4.09
N ASP A 48 -10.09 21.83 -3.53
CA ASP A 48 -9.84 22.73 -2.41
C ASP A 48 -10.25 22.13 -1.08
N SER A 49 -10.60 20.86 -1.10
CA SER A 49 -11.32 20.27 0.03
C SER A 49 -10.40 19.99 1.22
N GLY A 50 -9.12 19.79 0.94
CA GLY A 50 -8.15 19.36 1.95
C GLY A 50 -8.31 17.90 2.33
N LYS A 51 -9.04 17.14 1.53
CA LYS A 51 -9.32 15.75 1.90
C LYS A 51 -8.71 14.72 0.99
N ILE A 52 -7.69 15.16 0.24
CA ILE A 52 -7.00 14.32 -0.75
C ILE A 52 -5.49 14.38 -0.60
N SER A 53 -4.88 13.21 -0.60
CA SER A 53 -3.43 13.09 -0.71
C SER A 53 -3.08 12.13 -1.84
N SER A 54 -2.61 12.71 -2.95
CA SER A 54 -2.38 11.98 -4.17
C SER A 54 -1.18 12.53 -4.91
N LYS A 55 -0.49 11.64 -5.60
CA LYS A 55 0.67 12.03 -6.39
C LYS A 55 0.76 11.26 -7.70
N ALA A 56 0.75 12.02 -8.80
CA ALA A 56 0.92 11.42 -10.11
C ALA A 56 2.17 10.51 -10.11
N GLY A 57 1.98 9.30 -10.59
CA GLY A 57 3.07 8.35 -10.77
C GLY A 57 3.42 7.52 -9.56
N ASN A 58 2.73 7.78 -8.45
CA ASN A 58 3.03 7.07 -7.20
C ASN A 58 1.90 6.21 -6.68
N SER A 59 2.24 5.49 -5.63
CA SER A 59 1.27 4.67 -4.87
C SER A 59 1.78 4.44 -3.46
N ILE A 60 0.92 4.01 -2.56
CA ILE A 60 1.34 3.91 -1.15
C ILE A 60 2.45 2.83 -1.06
N PHE A 61 2.27 1.74 -1.79
CA PHE A 61 3.24 0.63 -1.78
C PHE A 61 4.56 1.09 -2.38
N ARG A 62 4.46 1.84 -3.46
CA ARG A 62 5.65 2.32 -4.15
C ARG A 62 6.46 3.22 -3.22
N SER A 63 5.79 4.12 -2.54
CA SER A 63 6.46 5.05 -1.61
C SER A 63 7.01 4.32 -0.38
N PHE A 64 6.35 3.24 -0.02
CA PHE A 64 6.76 2.44 1.15
C PHE A 64 8.12 1.82 0.93
N HIS A 65 8.37 1.36 -0.30
CA HIS A 65 9.51 0.46 -0.54
C HIS A 65 10.66 1.14 -1.26
N PHE A 66 10.35 2.17 -2.04
CA PHE A 66 11.30 2.69 -3.05
C PHE A 66 11.73 4.14 -2.85
N THR A 67 12.79 4.53 -3.53
CA THR A 67 13.34 5.88 -3.39
C THR A 67 12.41 6.93 -4.02
N ASP A 68 11.53 6.45 -4.89
CA ASP A 68 10.48 7.31 -5.52
C ASP A 68 9.34 7.53 -4.55
N PHE A 69 9.54 8.50 -3.68
CA PHE A 69 8.77 8.63 -2.45
C PHE A 69 7.87 9.85 -2.47
N TYR A 70 6.60 9.61 -2.12
CA TYR A 70 5.65 10.68 -1.79
C TYR A 70 5.12 10.48 -0.40
N ASN A 71 5.11 11.55 0.38
CA ASN A 71 4.68 11.42 1.76
C ASN A 71 3.17 11.47 1.90
N TYR A 72 2.53 10.38 1.51
CA TYR A 72 1.08 10.29 1.66
C TYR A 72 0.69 10.55 3.12
N THR A 73 -0.25 11.46 3.27
CA THR A 73 -0.67 11.91 4.59
C THR A 73 -2.11 12.33 4.62
N GLY A 74 -2.87 11.74 5.53
CA GLY A 74 -4.29 12.09 5.64
C GLY A 74 -4.96 11.51 6.86
N GLU A 75 -6.05 12.15 7.24
CA GLU A 75 -6.86 11.74 8.37
C GLU A 75 -8.37 11.86 8.07
N GLY A 76 -9.11 10.83 8.44
CA GLY A 76 -10.58 10.86 8.31
C GLY A 76 -11.23 9.66 8.94
N GLN A 77 -12.53 9.78 9.16
CA GLN A 77 -13.30 8.67 9.74
C GLN A 77 -13.47 7.59 8.69
N GLN A 78 -13.95 7.99 7.53
CA GLN A 78 -14.01 7.09 6.35
C GLN A 78 -12.85 7.36 5.43
N ILE A 79 -12.07 6.31 5.19
CA ILE A 79 -10.93 6.36 4.31
C ILE A 79 -11.24 5.68 2.98
N ILE A 80 -10.82 6.33 1.92
CA ILE A 80 -10.99 5.86 0.54
C ILE A 80 -9.65 5.83 -0.14
N PHE A 81 -9.44 4.78 -0.94
CA PHE A 81 -8.23 4.58 -1.72
C PHE A 81 -8.52 4.41 -3.21
N TYR A 82 -7.77 5.13 -4.03
CA TYR A 82 -7.78 4.97 -5.49
C TYR A 82 -6.35 5.08 -6.00
N GLU A 83 -5.60 4.05 -5.67
CA GLU A 83 -4.18 3.95 -6.05
C GLU A 83 -3.74 2.51 -6.04
N GLY A 84 -2.61 2.26 -6.68
CA GLY A 84 -2.01 0.94 -6.74
C GLY A 84 -1.37 0.62 -8.06
N VAL A 85 -1.91 1.23 -9.09
CA VAL A 85 -1.51 0.96 -10.47
C VAL A 85 -0.04 1.27 -10.72
N ASN A 86 0.51 2.19 -9.94
CA ASN A 86 1.89 2.59 -10.12
C ASN A 86 2.88 1.59 -9.53
N PHE A 87 2.35 0.42 -9.18
CA PHE A 87 3.20 -0.80 -9.03
C PHE A 87 2.43 -2.06 -9.46
N THR A 88 2.64 -2.46 -10.71
CA THR A 88 1.88 -3.53 -11.36
C THR A 88 2.81 -4.43 -12.19
N PRO A 89 2.27 -5.54 -12.72
CA PRO A 89 3.14 -6.42 -13.48
C PRO A 89 3.74 -5.69 -14.67
N TYR A 90 3.06 -4.65 -15.11
CA TYR A 90 3.56 -3.75 -16.16
C TYR A 90 4.99 -3.28 -15.86
N HIS A 91 5.26 -2.97 -14.62
CA HIS A 91 6.56 -2.39 -14.28
C HIS A 91 7.65 -3.45 -14.31
N ALA A 92 7.19 -4.69 -14.32
CA ALA A 92 8.08 -5.85 -14.39
C ALA A 92 9.16 -5.80 -13.32
N PHE A 93 8.83 -5.30 -12.14
CA PHE A 93 9.84 -5.20 -11.10
C PHE A 93 10.30 -6.56 -10.58
N LYS A 94 11.61 -6.66 -10.42
CA LYS A 94 12.27 -7.77 -9.73
C LYS A 94 13.60 -7.30 -9.16
N CYS A 95 14.02 -7.90 -8.04
CA CYS A 95 15.22 -7.42 -7.35
C CYS A 95 16.47 -7.61 -8.20
N THR A 96 16.46 -8.67 -8.98
CA THR A 96 17.52 -8.99 -9.95
C THR A 96 16.90 -9.50 -11.24
N THR A 97 17.71 -9.62 -12.27
CA THR A 97 17.15 -9.92 -13.58
C THR A 97 16.59 -11.33 -13.61
N SER A 98 17.02 -12.15 -12.68
CA SER A 98 16.52 -13.53 -12.63
C SER A 98 15.53 -13.71 -11.49
N GLY A 99 14.96 -12.61 -11.07
CA GLY A 99 13.97 -12.62 -9.98
C GLY A 99 12.57 -12.99 -10.41
N SER A 100 11.59 -12.49 -9.68
CA SER A 100 10.18 -12.86 -9.85
C SER A 100 9.24 -11.72 -9.52
N ASN A 101 8.51 -11.25 -10.52
CA ASN A 101 7.48 -10.24 -10.28
C ASN A 101 6.31 -10.80 -9.48
N ASP A 102 6.06 -12.10 -9.63
CA ASP A 102 4.98 -12.78 -8.87
C ASP A 102 5.20 -12.65 -7.36
N ILE A 103 6.44 -12.76 -6.94
CA ILE A 103 6.80 -12.52 -5.53
C ILE A 103 6.40 -11.10 -5.11
N TRP A 104 6.69 -10.14 -5.99
CA TRP A 104 6.43 -8.71 -5.67
C TRP A 104 4.93 -8.43 -5.68
N MET A 105 4.22 -9.17 -6.52
CA MET A 105 2.75 -9.10 -6.49
C MET A 105 2.20 -9.64 -5.18
N GLN A 106 2.84 -10.68 -4.66
CA GLN A 106 2.43 -11.27 -3.39
C GLN A 106 2.67 -10.25 -2.29
N ASN A 107 3.81 -9.59 -2.38
CA ASN A 107 4.19 -8.55 -1.41
C ASN A 107 3.15 -7.44 -1.42
N LYS A 108 2.77 -7.03 -2.61
CA LYS A 108 1.77 -5.96 -2.79
C LYS A 108 0.46 -6.28 -2.07
N GLY A 109 -0.04 -7.50 -2.28
CA GLY A 109 -1.26 -7.96 -1.64
C GLY A 109 -1.17 -7.95 -0.11
N LEU A 110 -0.04 -8.45 0.39
CA LEU A 110 0.16 -8.56 1.85
C LEU A 110 0.21 -7.17 2.46
N PHE A 111 0.88 -6.25 1.76
CA PHE A 111 0.98 -4.86 2.24
C PHE A 111 -0.37 -4.19 2.34
N TYR A 112 -1.14 -4.22 1.24
CA TYR A 112 -2.44 -3.50 1.20
C TYR A 112 -3.41 -4.15 2.15
N THR A 113 -3.21 -5.42 2.43
CA THR A 113 -4.07 -6.09 3.44
C THR A 113 -3.94 -5.38 4.79
N GLN A 114 -2.72 -5.10 5.20
CA GLN A 114 -2.49 -4.48 6.50
C GLN A 114 -2.95 -3.02 6.49
N VAL A 115 -2.70 -2.35 5.37
CA VAL A 115 -3.15 -0.95 5.25
C VAL A 115 -4.68 -0.84 5.40
N TYR A 116 -5.40 -1.66 4.65
CA TYR A 116 -6.85 -1.57 4.66
C TYR A 116 -7.41 -1.99 6.02
N LYS A 117 -6.86 -3.05 6.60
CA LYS A 117 -7.39 -3.51 7.88
C LYS A 117 -7.20 -2.44 8.97
N ASN A 118 -6.05 -1.78 8.93
CA ASN A 118 -5.70 -0.83 9.97
C ASN A 118 -6.39 0.52 9.79
N MET A 119 -6.63 0.89 8.55
CA MET A 119 -7.27 2.17 8.30
C MET A 119 -8.78 2.08 8.54
N ALA A 120 -9.24 0.89 8.90
CA ALA A 120 -10.63 0.74 9.40
C ALA A 120 -10.73 1.07 10.89
N VAL A 121 -9.59 1.16 11.57
CA VAL A 121 -9.56 1.44 13.02
C VAL A 121 -8.66 2.60 13.46
N TYR A 122 -8.00 3.25 12.50
CA TYR A 122 -7.21 4.47 12.76
C TYR A 122 -7.67 5.59 11.83
N ARG A 123 -7.67 6.81 12.33
CA ARG A 123 -8.08 7.96 11.53
C ARG A 123 -6.98 8.39 10.60
N SER A 124 -5.76 8.25 11.09
CA SER A 124 -4.61 8.94 10.49
C SER A 124 -3.55 8.02 9.94
N LEU A 125 -3.12 8.33 8.72
CA LEU A 125 -2.02 7.64 8.05
C LEU A 125 -1.02 8.69 7.56
N THR A 126 0.24 8.41 7.83
CA THR A 126 1.35 9.13 7.18
C THR A 126 2.57 8.22 7.16
N PHE A 127 3.66 8.77 6.65
CA PHE A 127 4.91 8.04 6.64
C PHE A 127 5.82 8.64 7.68
N VAL A 128 6.60 7.78 8.34
CA VAL A 128 7.69 8.26 9.21
C VAL A 128 8.98 7.56 8.84
N ASN A 129 10.05 8.30 8.90
CA ASN A 129 11.39 7.71 8.78
C ASN A 129 11.65 6.89 10.05
N VAL A 130 12.31 5.77 9.86
CA VAL A 130 12.66 4.91 10.98
C VAL A 130 14.18 5.08 11.24
N PRO A 131 14.53 5.73 12.33
CA PRO A 131 15.96 5.79 12.56
C PRO A 131 16.53 4.45 12.98
N TYR A 132 17.72 4.19 12.49
CA TYR A 132 18.49 3.02 12.94
C TYR A 132 19.98 3.34 13.11
N VAL A 133 20.59 2.56 13.99
CA VAL A 133 22.04 2.62 14.20
C VAL A 133 22.67 1.26 13.96
N TYR A 134 23.61 1.25 13.04
CA TYR A 134 24.46 0.09 12.78
C TYR A 134 25.89 0.48 13.18
N ASN A 135 26.55 -0.43 13.87
CA ASN A 135 27.82 -0.16 14.57
C ASN A 135 29.07 -0.40 13.75
N GLY A 136 28.90 -1.19 12.71
CA GLY A 136 30.02 -1.56 11.86
C GLY A 136 30.46 -0.37 11.04
N SER A 137 31.39 -0.61 10.13
CA SER A 137 31.86 0.44 9.24
C SER A 137 31.18 0.32 7.87
N ALA A 138 30.58 -0.84 7.64
CA ALA A 138 29.78 -1.03 6.42
C ALA A 138 28.66 -0.02 6.28
N GLN A 139 28.38 0.32 5.03
CA GLN A 139 27.27 1.18 4.67
C GLN A 139 26.16 0.40 3.98
N SER A 140 25.06 1.10 3.78
CA SER A 140 23.92 0.54 3.03
C SER A 140 24.26 0.37 1.55
N THR A 141 23.59 -0.59 0.95
CA THR A 141 23.82 -0.95 -0.43
C THR A 141 22.52 -1.28 -1.14
N ALA A 142 22.39 -0.81 -2.37
CA ALA A 142 21.16 -0.97 -3.13
C ALA A 142 21.19 -2.25 -3.93
N LEU A 143 20.89 -3.34 -3.24
CA LEU A 143 20.99 -4.68 -3.83
C LEU A 143 19.76 -4.97 -4.70
N CYS A 144 18.62 -4.38 -4.34
CA CYS A 144 17.38 -4.66 -5.05
C CYS A 144 17.00 -3.45 -5.90
N LYS A 145 17.03 -3.64 -7.21
CA LYS A 145 16.72 -2.54 -8.16
C LYS A 145 16.44 -3.00 -9.58
N SER A 146 15.57 -2.26 -10.23
CA SER A 146 15.15 -2.52 -11.61
C SER A 146 14.73 -1.22 -12.28
N GLY A 147 15.51 -0.83 -13.28
CA GLY A 147 15.26 0.44 -13.96
C GLY A 147 15.25 1.60 -13.01
N SER A 148 14.14 2.32 -12.99
CA SER A 148 14.02 3.55 -12.20
C SER A 148 13.58 3.22 -10.79
N LEU A 149 13.27 1.95 -10.57
CA LEU A 149 12.87 1.54 -9.23
C LEU A 149 14.03 0.99 -8.43
N VAL A 150 14.31 1.67 -7.34
CA VAL A 150 15.37 1.29 -6.42
C VAL A 150 14.81 1.14 -5.00
N LEU A 151 14.88 -0.08 -4.49
CA LEU A 151 14.41 -0.39 -3.13
C LEU A 151 15.23 0.34 -2.09
N ASN A 152 14.57 1.01 -1.16
CA ASN A 152 15.29 1.60 -0.03
C ASN A 152 14.73 1.26 1.36
N ASN A 153 13.67 0.48 1.37
CA ASN A 153 13.05 -0.02 2.60
C ASN A 153 12.58 -1.47 2.41
N PRO A 154 13.11 -2.42 3.20
CA PRO A 154 14.20 -2.22 4.16
C PRO A 154 15.52 -1.89 3.47
N ALA A 155 16.43 -1.31 4.23
CA ALA A 155 17.82 -1.13 3.79
C ALA A 155 18.56 -2.44 3.88
N TYR A 156 19.53 -2.61 2.98
CA TYR A 156 20.52 -3.67 3.09
C TYR A 156 21.82 -3.03 3.54
N ILE A 157 22.45 -3.67 4.52
CA ILE A 157 23.80 -3.25 4.98
C ILE A 157 24.85 -4.20 4.42
N ALA A 158 25.88 -3.62 3.83
CA ALA A 158 26.98 -4.40 3.23
C ALA A 158 27.74 -5.13 4.29
N ARG A 159 28.45 -6.16 3.86
CA ARG A 159 29.34 -6.95 4.70
C ARG A 159 30.53 -6.14 5.19
N GLU A 160 30.95 -6.38 6.42
CA GLU A 160 32.17 -5.79 6.94
C GLU A 160 33.44 -6.32 6.25
N ALA A 161 34.51 -5.55 6.30
CA ALA A 161 35.77 -5.90 5.64
C ALA A 161 36.25 -7.28 5.99
N ASN A 162 36.20 -7.59 7.27
CA ASN A 162 36.84 -8.76 7.83
C ASN A 162 36.20 -10.07 7.46
N PHE A 163 35.00 -10.03 6.91
CA PHE A 163 34.27 -11.25 6.65
C PHE A 163 34.49 -11.67 5.23
N GLY A 164 34.69 -12.96 5.02
CA GLY A 164 34.96 -13.50 3.69
C GLY A 164 33.82 -14.31 3.12
N ASP A 165 32.77 -14.42 3.92
CA ASP A 165 31.54 -15.07 3.45
C ASP A 165 30.32 -14.37 4.05
N TYR A 166 29.16 -14.99 3.88
CA TYR A 166 27.88 -14.38 4.34
C TYR A 166 27.22 -15.19 5.45
N TYR A 167 28.03 -15.93 6.18
CA TYR A 167 27.53 -16.77 7.27
C TYR A 167 27.55 -16.07 8.63
N TYR A 168 27.74 -14.76 8.58
CA TYR A 168 27.94 -13.96 9.79
C TYR A 168 26.61 -13.52 10.43
N LYS A 169 26.73 -13.13 11.68
CA LYS A 169 25.64 -12.54 12.45
C LYS A 169 25.99 -11.10 12.81
N VAL A 170 25.13 -10.19 12.39
CA VAL A 170 25.27 -8.78 12.74
C VAL A 170 23.91 -8.18 13.07
N GLU A 171 23.92 -7.04 13.73
CA GLU A 171 22.67 -6.39 14.13
C GLU A 171 22.69 -4.87 14.03
N ALA A 172 21.49 -4.31 13.95
CA ALA A 172 21.24 -2.86 14.06
C ALA A 172 20.10 -2.61 15.02
N ASP A 173 20.06 -1.41 15.57
CA ASP A 173 18.99 -0.96 16.43
C ASP A 173 18.12 0.00 15.64
N PHE A 174 16.82 -0.27 15.63
CA PHE A 174 15.81 0.65 15.05
C PHE A 174 14.74 0.99 16.06
N TYR A 175 14.30 2.25 16.02
CA TYR A 175 13.43 2.80 17.05
C TYR A 175 12.16 3.36 16.46
N LEU A 176 11.04 2.86 16.94
CA LEU A 176 9.72 3.31 16.49
C LEU A 176 9.06 4.22 17.53
N SER A 177 8.79 5.43 17.12
CA SER A 177 8.14 6.41 17.98
C SER A 177 7.26 7.35 17.17
N GLY A 178 6.28 7.94 17.85
CA GLY A 178 5.45 8.98 17.26
C GLY A 178 4.08 8.53 16.76
N CYS A 179 3.83 7.22 16.83
CA CYS A 179 2.59 6.61 16.28
C CYS A 179 2.00 5.58 17.24
N ASP A 180 0.71 5.30 17.08
CA ASP A 180 0.10 4.23 17.88
C ASP A 180 0.60 2.86 17.42
N GLU A 181 0.69 2.71 16.10
CA GLU A 181 1.19 1.50 15.47
C GLU A 181 1.92 1.85 14.21
N TYR A 182 2.72 0.89 13.78
CA TYR A 182 3.61 1.05 12.64
C TYR A 182 3.53 -0.16 11.73
N ILE A 183 3.45 0.07 10.42
CA ILE A 183 3.62 -1.04 9.45
C ILE A 183 5.04 -0.97 8.94
N VAL A 184 5.79 -2.05 9.17
CA VAL A 184 7.18 -2.13 8.69
C VAL A 184 7.39 -3.44 7.94
N PRO A 185 8.36 -3.46 7.00
CA PRO A 185 8.60 -4.71 6.29
C PRO A 185 9.67 -5.53 6.96
N LEU A 186 9.44 -6.83 6.99
CA LEU A 186 10.42 -7.85 7.35
C LEU A 186 10.53 -8.77 6.13
N CYS A 187 11.72 -8.78 5.52
CA CYS A 187 11.90 -9.44 4.22
C CYS A 187 13.19 -10.27 4.18
N ILE A 188 13.15 -11.27 3.32
CA ILE A 188 14.34 -12.08 2.98
C ILE A 188 14.30 -12.52 1.53
N PHE A 189 15.48 -12.82 0.98
CA PHE A 189 15.54 -13.59 -0.24
C PHE A 189 15.18 -15.02 0.12
N ASN A 190 14.08 -15.50 -0.46
CA ASN A 190 13.60 -16.85 -0.19
C ASN A 190 14.00 -17.72 -1.38
N GLY A 191 15.13 -18.37 -1.21
CA GLY A 191 15.81 -19.10 -2.30
C GLY A 191 17.28 -19.37 -2.02
N LYS A 192 17.87 -20.20 -2.87
CA LYS A 192 19.30 -20.50 -2.78
C LYS A 192 20.11 -19.41 -3.47
N PHE A 193 20.66 -18.52 -2.64
CA PHE A 193 21.30 -17.26 -3.10
C PHE A 193 22.79 -17.46 -3.32
N LEU A 194 23.20 -17.39 -4.57
CA LEU A 194 24.61 -17.62 -4.96
C LEU A 194 25.46 -16.37 -4.71
N SER A 195 26.49 -16.56 -3.91
CA SER A 195 27.56 -15.57 -3.78
C SER A 195 28.94 -16.20 -3.65
N ASN A 196 29.79 -15.79 -4.56
CA ASN A 196 31.17 -16.29 -4.65
C ASN A 196 31.24 -17.77 -4.37
N THR A 197 30.54 -18.53 -5.21
CA THR A 197 30.60 -20.00 -5.26
C THR A 197 29.79 -20.69 -4.18
N LYS A 198 29.25 -19.93 -3.23
CA LYS A 198 28.42 -20.54 -2.17
C LYS A 198 26.96 -20.08 -2.20
N TYR A 199 26.09 -21.03 -1.88
CA TYR A 199 24.63 -20.80 -1.84
C TYR A 199 24.13 -20.56 -0.43
N TYR A 200 23.54 -19.40 -0.24
CA TYR A 200 23.06 -18.90 1.05
C TYR A 200 21.55 -18.98 1.23
N ASP A 201 21.17 -19.04 2.50
CA ASP A 201 19.78 -19.06 2.94
C ASP A 201 19.56 -17.90 3.93
N ASP A 202 19.02 -16.82 3.38
CA ASP A 202 18.86 -15.55 4.11
C ASP A 202 18.04 -15.78 5.36
N SER A 203 18.40 -15.06 6.40
CA SER A 203 17.73 -15.14 7.68
C SER A 203 17.69 -13.77 8.32
N GLN A 204 16.50 -13.36 8.75
CA GLN A 204 16.35 -12.05 9.41
C GLN A 204 15.33 -12.09 10.51
N TYR A 205 15.75 -11.59 11.67
CA TYR A 205 14.89 -11.43 12.82
C TYR A 205 14.79 -9.96 13.23
N TYR A 206 13.62 -9.62 13.71
CA TYR A 206 13.40 -8.37 14.46
C TYR A 206 13.00 -8.77 15.87
N PHE A 207 13.48 -8.00 16.83
CA PHE A 207 13.29 -8.26 18.25
C PHE A 207 12.87 -6.98 18.98
N ASN A 208 11.71 -7.04 19.61
CA ASN A 208 11.24 -5.92 20.48
C ASN A 208 11.90 -6.11 21.84
N LYS A 209 12.79 -5.18 22.19
CA LYS A 209 13.61 -5.33 23.38
C LYS A 209 12.83 -5.30 24.69
N ASP A 210 11.62 -4.75 24.63
CA ASP A 210 10.84 -4.63 25.86
C ASP A 210 9.65 -5.59 25.93
N THR A 211 9.02 -5.89 24.81
CA THR A 211 7.94 -6.90 24.84
C THR A 211 8.56 -8.30 24.79
N GLY A 212 9.77 -8.36 24.25
CA GLY A 212 10.50 -9.62 24.09
C GLY A 212 10.05 -10.50 22.95
N VAL A 213 9.24 -9.94 22.08
CA VAL A 213 8.75 -10.69 20.90
C VAL A 213 9.79 -10.71 19.80
N ILE A 214 10.03 -11.91 19.28
CA ILE A 214 10.87 -12.14 18.11
C ILE A 214 9.98 -12.45 16.91
N TYR A 215 10.24 -11.73 15.85
CA TYR A 215 9.64 -11.97 14.54
C TYR A 215 10.74 -12.32 13.60
N GLY A 216 10.68 -13.51 13.01
CA GLY A 216 11.78 -13.92 12.14
C GLY A 216 11.31 -14.59 10.88
N LEU A 217 12.19 -14.54 9.88
CA LEU A 217 11.98 -15.24 8.62
C LEU A 217 13.28 -15.86 8.15
N ASN A 218 13.22 -17.16 7.92
CA ASN A 218 14.30 -17.92 7.31
C ASN A 218 13.88 -18.46 5.94
N SER A 219 14.83 -18.40 5.02
CA SER A 219 14.67 -18.93 3.67
C SER A 219 14.43 -20.42 3.70
N THR A 220 13.45 -20.87 2.93
CA THR A 220 13.13 -22.30 2.83
C THR A 220 13.10 -22.83 1.39
N GLU A 221 13.03 -21.95 0.40
CA GLU A 221 13.06 -22.35 -1.03
C GLU A 221 14.37 -23.06 -1.43
N THR A 222 14.23 -24.03 -2.32
CA THR A 222 15.39 -24.81 -2.82
C THR A 222 15.79 -24.41 -4.23
N ILE A 223 14.96 -23.60 -4.87
CA ILE A 223 15.31 -23.05 -6.21
C ILE A 223 16.50 -22.10 -6.18
N THR A 224 17.28 -22.14 -7.25
CA THR A 224 18.50 -21.34 -7.35
C THR A 224 18.33 -20.17 -8.31
N THR A 225 17.13 -20.11 -8.87
CA THR A 225 16.77 -19.05 -9.79
C THR A 225 15.28 -18.81 -9.77
N GLY A 226 14.86 -17.63 -10.22
CA GLY A 226 13.44 -17.31 -10.27
C GLY A 226 12.86 -17.01 -8.90
N PHE A 227 13.74 -16.79 -7.93
CA PHE A 227 13.32 -16.36 -6.58
C PHE A 227 13.55 -14.87 -6.38
N ASP A 228 12.99 -14.36 -5.30
CA ASP A 228 13.07 -12.93 -5.02
C ASP A 228 12.92 -12.61 -3.53
N PHE A 229 12.69 -11.33 -3.27
CA PHE A 229 12.72 -10.77 -1.94
C PHE A 229 11.29 -10.86 -1.40
N ASN A 230 11.09 -11.83 -0.53
CA ASN A 230 9.78 -12.07 0.07
C ASN A 230 9.62 -11.19 1.29
N CYS A 231 8.54 -10.41 1.31
CA CYS A 231 8.24 -9.57 2.47
C CYS A 231 6.95 -9.91 3.19
N HIS A 232 7.05 -9.77 4.51
CA HIS A 232 5.94 -9.72 5.44
C HIS A 232 5.84 -8.32 6.03
N TYR A 233 4.60 -7.94 6.30
CA TYR A 233 4.29 -6.61 6.78
C TYR A 233 3.78 -6.65 8.20
N LEU A 234 4.68 -6.29 9.11
CA LEU A 234 4.41 -6.36 10.54
C LEU A 234 3.72 -5.09 10.99
N VAL A 235 2.75 -5.28 11.85
CA VAL A 235 2.07 -4.16 12.51
C VAL A 235 2.54 -4.16 13.97
N LEU A 236 3.38 -3.17 14.26
CA LEU A 236 4.17 -3.17 15.48
C LEU A 236 3.82 -1.97 16.39
N PRO A 237 4.03 -2.13 17.71
CA PRO A 237 3.86 -1.05 18.65
C PRO A 237 5.10 -0.18 18.73
N SER A 238 4.95 1.00 19.34
CA SER A 238 6.13 1.81 19.58
C SER A 238 7.10 0.99 20.42
N GLY A 239 8.38 1.21 20.17
CA GLY A 239 9.41 0.57 20.96
C GLY A 239 10.78 0.61 20.35
N ASN A 240 11.71 -0.01 21.06
CA ASN A 240 13.08 -0.13 20.59
C ASN A 240 13.36 -1.56 20.22
N TYR A 241 13.88 -1.72 19.02
CA TYR A 241 14.05 -3.00 18.36
C TYR A 241 15.48 -3.25 17.93
N LEU A 242 15.83 -4.52 17.87
CA LEU A 242 17.01 -4.98 17.13
C LEU A 242 16.60 -5.71 15.88
N ALA A 243 17.32 -5.41 14.81
CA ALA A 243 17.28 -6.18 13.58
C ALA A 243 18.53 -7.06 13.63
N ILE A 244 18.28 -8.35 13.69
CA ILE A 244 19.34 -9.36 13.86
C ILE A 244 19.38 -10.25 12.64
N SER A 245 20.45 -10.10 11.87
CA SER A 245 20.67 -10.89 10.64
C SER A 245 21.55 -12.09 10.99
N ASN A 246 21.14 -13.28 10.55
CA ASN A 246 21.87 -14.52 10.85
C ASN A 246 22.55 -15.14 9.63
N GLU A 247 22.25 -14.57 8.47
CA GLU A 247 22.79 -14.99 7.18
C GLU A 247 22.50 -13.98 6.10
N LEU A 248 23.40 -13.92 5.13
CA LEU A 248 23.31 -12.96 4.04
C LEU A 248 23.42 -11.52 4.55
N LEU A 249 22.77 -10.60 3.87
CA LEU A 249 22.86 -9.18 4.25
C LEU A 249 21.85 -8.80 5.33
N LEU A 250 22.31 -8.02 6.30
CA LEU A 250 21.40 -7.41 7.28
C LEU A 250 20.41 -6.46 6.61
N THR A 251 19.13 -6.62 6.95
CA THR A 251 18.09 -5.72 6.49
C THR A 251 17.34 -5.11 7.67
N VAL A 252 17.00 -3.84 7.49
CA VAL A 252 16.43 -3.04 8.56
C VAL A 252 15.45 -2.03 7.98
N PRO A 253 14.31 -1.81 8.64
CA PRO A 253 13.37 -0.79 8.14
C PRO A 253 13.93 0.63 8.19
N THR A 254 13.56 1.40 7.16
CA THR A 254 13.92 2.81 7.03
C THR A 254 12.71 3.73 6.97
N LYS A 255 11.55 3.14 6.70
CA LYS A 255 10.27 3.85 6.63
C LYS A 255 9.19 2.96 7.22
N ALA A 256 8.22 3.61 7.87
CA ALA A 256 7.01 2.93 8.35
C ALA A 256 5.76 3.67 7.94
N ILE A 257 4.66 2.94 7.79
CA ILE A 257 3.35 3.56 7.81
C ILE A 257 3.01 3.85 9.27
N CYS A 258 2.74 5.12 9.53
CA CYS A 258 2.42 5.63 10.83
C CYS A 258 0.91 5.68 10.99
N LEU A 259 0.41 4.85 11.90
CA LEU A 259 -1.02 4.75 12.24
C LEU A 259 -1.32 5.48 13.57
N ASN A 260 -2.21 6.45 13.52
CA ASN A 260 -2.57 7.23 14.68
C ASN A 260 -4.07 7.48 14.80
N LYS A 261 -4.47 7.70 16.04
CA LYS A 261 -5.84 8.08 16.43
C LYS A 261 -6.81 6.97 16.20
N ARG A 262 -6.87 6.08 17.18
CA ARG A 262 -7.81 4.98 17.14
C ARG A 262 -9.26 5.49 16.96
N LYS A 263 -10.03 4.79 16.14
CA LYS A 263 -11.43 5.16 15.91
C LYS A 263 -12.31 3.93 15.95
N ASP A 264 -13.60 4.17 16.12
CA ASP A 264 -14.57 3.09 16.02
C ASP A 264 -14.45 2.48 14.61
N PHE A 265 -14.55 1.16 14.57
CA PHE A 265 -14.47 0.40 13.31
C PHE A 265 -15.33 1.03 12.21
N THR A 266 -14.67 1.43 11.15
CA THR A 266 -15.31 2.07 9.99
C THR A 266 -14.70 1.52 8.69
N PRO A 267 -15.46 0.72 7.92
CA PRO A 267 -14.88 0.11 6.73
C PRO A 267 -14.32 1.12 5.75
N VAL A 268 -13.18 0.75 5.18
CA VAL A 268 -12.55 1.56 4.12
C VAL A 268 -13.20 1.25 2.81
N GLN A 269 -13.02 2.17 1.86
CA GLN A 269 -13.51 2.01 0.50
C GLN A 269 -12.35 2.02 -0.45
N VAL A 270 -12.27 1.00 -1.31
CA VAL A 270 -11.17 0.85 -2.25
C VAL A 270 -11.68 0.75 -3.68
N VAL A 271 -11.11 1.59 -4.55
CA VAL A 271 -11.38 1.60 -5.99
C VAL A 271 -10.26 0.93 -6.74
N ASP A 272 -10.65 -0.01 -7.58
CA ASP A 272 -9.71 -0.75 -8.42
C ASP A 272 -8.84 0.24 -9.20
N SER A 273 -7.54 0.06 -9.04
CA SER A 273 -6.53 0.89 -9.69
C SER A 273 -5.79 0.08 -10.74
N ARG A 274 -6.15 0.33 -11.99
CA ARG A 274 -5.60 -0.43 -13.12
C ARG A 274 -5.35 0.44 -14.32
N TRP A 275 -4.57 -0.14 -15.22
CA TRP A 275 -4.25 0.45 -16.51
C TRP A 275 -5.32 0.05 -17.50
N ASN A 276 -5.36 0.79 -18.59
CA ASN A 276 -6.01 0.32 -19.81
C ASN A 276 -5.51 -1.09 -20.12
N ASN A 277 -6.36 -1.90 -20.73
CA ASN A 277 -6.12 -3.34 -20.89
C ASN A 277 -4.85 -3.67 -21.67
N ALA A 278 -4.31 -2.69 -22.38
CA ALA A 278 -3.10 -2.90 -23.20
C ALA A 278 -1.89 -3.18 -22.32
N ARG A 279 -2.07 -2.91 -21.04
CA ARG A 279 -1.00 -3.07 -20.03
C ARG A 279 -1.47 -4.05 -19.00
N GLN A 280 -0.54 -4.78 -18.43
CA GLN A 280 -0.86 -5.81 -17.43
C GLN A 280 -1.02 -5.18 -16.04
N SER A 281 -2.19 -5.40 -15.48
CA SER A 281 -2.50 -4.97 -14.13
C SER A 281 -2.56 -6.20 -13.25
N ASP A 282 -3.04 -6.02 -12.02
CA ASP A 282 -3.16 -7.14 -11.07
C ASP A 282 -4.35 -6.96 -10.16
N ASN A 283 -4.75 -8.01 -9.45
CA ASN A 283 -5.94 -7.91 -8.60
C ASN A 283 -5.61 -7.94 -7.14
N MET A 284 -4.39 -7.57 -6.81
CA MET A 284 -3.92 -7.71 -5.43
C MET A 284 -4.68 -6.81 -4.43
N THR A 285 -5.10 -5.61 -4.85
CA THR A 285 -5.88 -4.77 -3.93
C THR A 285 -7.28 -5.35 -3.73
N ALA A 286 -7.80 -6.05 -4.73
CA ALA A 286 -9.09 -6.71 -4.59
C ALA A 286 -8.98 -7.86 -3.62
N VAL A 287 -7.88 -8.58 -3.71
CA VAL A 287 -7.61 -9.70 -2.79
C VAL A 287 -7.54 -9.16 -1.36
N ALA A 288 -6.87 -8.03 -1.22
CA ALA A 288 -6.61 -7.39 0.08
C ALA A 288 -7.89 -6.78 0.66
N CYS A 289 -8.82 -6.43 -0.21
CA CYS A 289 -10.04 -5.73 0.20
C CYS A 289 -11.17 -6.74 0.47
N GLN A 290 -11.38 -7.06 1.75
CA GLN A 290 -12.41 -8.02 2.17
C GLN A 290 -13.35 -7.49 3.25
N PRO A 291 -14.57 -8.03 3.30
CA PRO A 291 -15.46 -7.73 4.41
C PRO A 291 -14.87 -8.27 5.67
N PRO A 292 -15.13 -7.63 6.80
CA PRO A 292 -16.03 -6.50 6.95
C PRO A 292 -15.32 -5.16 6.90
N TYR A 293 -14.02 -5.19 6.65
CA TYR A 293 -13.18 -3.99 6.83
C TYR A 293 -13.05 -3.12 5.58
N CYS A 294 -13.53 -3.63 4.47
CA CYS A 294 -13.32 -2.96 3.16
C CYS A 294 -14.44 -3.24 2.16
N TYR A 295 -14.81 -2.21 1.41
CA TYR A 295 -15.71 -2.33 0.26
C TYR A 295 -14.91 -2.07 -1.00
N PHE A 296 -15.02 -2.95 -1.97
CA PHE A 296 -14.28 -2.80 -3.23
C PHE A 296 -15.20 -2.33 -4.34
N ARG A 297 -14.76 -1.31 -5.08
CA ARG A 297 -15.49 -0.80 -6.24
C ARG A 297 -14.68 -0.88 -7.52
N ASN A 298 -15.32 -1.33 -8.58
CA ASN A 298 -14.67 -1.45 -9.89
C ASN A 298 -15.65 -1.10 -11.01
N SER A 299 -15.15 -0.52 -12.09
CA SER A 299 -16.03 -0.25 -13.25
C SER A 299 -16.25 -1.54 -14.03
N THR A 300 -17.24 -1.55 -14.92
CA THR A 300 -17.56 -2.76 -15.66
C THR A 300 -16.88 -2.76 -17.00
N THR A 301 -16.10 -1.73 -17.22
CA THR A 301 -15.49 -1.50 -18.51
C THR A 301 -13.98 -1.34 -18.46
N ASN A 302 -13.38 -1.56 -19.62
CA ASN A 302 -11.96 -1.21 -19.86
C ASN A 302 -11.70 0.24 -19.47
N TYR A 303 -10.51 0.49 -18.95
CA TYR A 303 -10.06 1.85 -18.65
C TYR A 303 -9.63 2.51 -19.94
N VAL A 304 -10.44 3.47 -20.36
CA VAL A 304 -10.18 4.26 -21.59
C VAL A 304 -10.28 5.75 -21.32
N GLY A 305 -9.11 6.35 -21.18
CA GLY A 305 -8.97 7.71 -20.76
C GLY A 305 -9.05 8.65 -21.94
N VAL A 306 -9.43 9.88 -21.65
CA VAL A 306 -9.65 10.88 -22.71
C VAL A 306 -8.46 11.81 -22.82
N TYR A 307 -7.72 11.98 -21.73
CA TYR A 307 -6.53 12.82 -21.76
C TYR A 307 -5.44 12.07 -22.52
N ASP A 308 -5.05 10.96 -21.93
CA ASP A 308 -4.42 9.89 -22.66
C ASP A 308 -5.14 8.60 -22.29
N ILE A 309 -4.68 7.50 -22.84
CA ILE A 309 -5.45 6.25 -22.77
C ILE A 309 -5.54 5.75 -21.32
N ASN A 310 -4.63 6.23 -20.50
CA ASN A 310 -4.55 5.77 -19.09
C ASN A 310 -5.02 6.82 -18.07
N HIS A 311 -5.57 7.92 -18.59
CA HIS A 311 -6.09 9.00 -17.74
C HIS A 311 -7.36 9.67 -18.20
N GLY A 312 -8.38 9.56 -17.35
CA GLY A 312 -9.66 10.27 -17.53
C GLY A 312 -10.73 9.38 -18.13
N ASP A 313 -11.22 8.46 -17.31
CA ASP A 313 -12.12 7.37 -17.73
C ASP A 313 -13.52 7.56 -17.20
N ALA A 314 -14.48 7.29 -18.08
CA ALA A 314 -15.89 7.53 -17.78
C ALA A 314 -16.35 6.69 -16.59
N GLY A 315 -15.94 5.43 -16.57
CA GLY A 315 -16.37 4.48 -15.53
C GLY A 315 -15.86 4.85 -14.14
N PHE A 316 -14.59 5.18 -14.07
CA PHE A 316 -13.98 5.52 -12.78
C PHE A 316 -14.33 6.94 -12.34
N THR A 317 -14.57 7.80 -13.33
CA THR A 317 -15.05 9.15 -13.01
C THR A 317 -16.41 9.00 -12.32
N SER A 318 -17.19 8.05 -12.81
CA SER A 318 -18.53 7.82 -12.25
C SER A 318 -18.44 7.35 -10.80
N ILE A 319 -17.52 6.45 -10.57
CA ILE A 319 -17.34 5.88 -9.21
C ILE A 319 -16.94 6.97 -8.23
N LEU A 320 -16.03 7.83 -8.66
CA LEU A 320 -15.48 8.88 -7.76
C LEU A 320 -16.51 10.01 -7.57
N SER A 321 -17.51 10.04 -8.44
CA SER A 321 -18.48 11.14 -8.43
C SER A 321 -19.25 11.17 -7.13
N GLY A 322 -19.26 10.05 -6.43
CA GLY A 322 -20.00 9.94 -5.17
C GLY A 322 -19.36 10.76 -4.06
N LEU A 323 -18.15 11.23 -4.30
CA LEU A 323 -17.46 12.04 -3.29
C LEU A 323 -18.05 13.44 -3.26
N LEU A 324 -18.88 13.73 -4.25
CA LEU A 324 -19.46 15.09 -4.36
C LEU A 324 -20.67 15.30 -3.47
N TYR A 325 -21.13 14.23 -2.83
CA TYR A 325 -22.30 14.31 -1.96
C TYR A 325 -22.20 13.32 -0.81
N ASP A 326 -22.98 13.57 0.24
CA ASP A 326 -23.10 12.61 1.35
C ASP A 326 -24.09 11.52 1.01
N SER A 327 -23.80 10.33 1.51
CA SER A 327 -24.67 9.19 1.33
C SER A 327 -24.83 8.45 2.67
N PRO A 328 -26.02 7.91 2.95
CA PRO A 328 -26.20 7.38 4.31
C PRO A 328 -25.73 5.93 4.54
N CYS A 329 -25.71 5.12 3.49
CA CYS A 329 -25.51 3.69 3.66
C CYS A 329 -24.48 3.09 2.71
N PHE A 330 -23.54 2.38 3.31
CA PHE A 330 -22.44 1.72 2.61
C PHE A 330 -22.52 0.22 2.84
N SER A 331 -22.32 -0.53 1.77
CA SER A 331 -22.51 -1.96 1.76
C SER A 331 -21.69 -2.64 0.71
N GLN A 332 -21.61 -3.94 0.83
CA GLN A 332 -20.86 -4.74 -0.14
C GLN A 332 -21.38 -4.46 -1.54
N GLN A 333 -22.71 -4.31 -1.67
CA GLN A 333 -23.37 -4.21 -2.98
C GLN A 333 -23.22 -2.83 -3.61
N GLY A 334 -22.90 -1.85 -2.77
CA GLY A 334 -22.77 -0.44 -3.17
C GLY A 334 -23.27 0.53 -2.14
N VAL A 335 -23.49 1.76 -2.60
CA VAL A 335 -23.92 2.83 -1.73
C VAL A 335 -25.40 3.12 -2.00
N PHE A 336 -26.19 3.14 -0.93
CA PHE A 336 -27.61 3.53 -1.03
C PHE A 336 -27.76 5.00 -0.67
N ARG A 337 -28.45 5.74 -1.54
CA ARG A 337 -28.59 7.19 -1.41
C ARG A 337 -29.65 7.56 -0.38
N TYR A 338 -30.51 6.60 -0.08
CA TYR A 338 -31.59 6.80 0.90
C TYR A 338 -31.55 5.76 2.00
N ASP A 339 -31.94 6.19 3.20
CA ASP A 339 -31.81 5.37 4.40
C ASP A 339 -33.09 4.69 4.80
N ASN A 340 -34.12 4.80 3.97
CA ASN A 340 -35.43 4.26 4.37
C ASN A 340 -35.81 2.87 3.88
N VAL A 341 -36.11 2.77 2.61
CA VAL A 341 -36.51 1.51 1.99
C VAL A 341 -35.70 1.19 0.76
N SER A 342 -35.48 -0.11 0.58
CA SER A 342 -34.81 -0.66 -0.60
C SER A 342 -35.46 -1.97 -1.00
N SER A 343 -34.95 -2.58 -2.07
CA SER A 343 -35.45 -3.90 -2.50
C SER A 343 -34.48 -5.03 -2.20
N VAL A 344 -33.27 -4.66 -1.78
CA VAL A 344 -32.29 -5.65 -1.31
C VAL A 344 -31.79 -5.30 0.07
N TRP A 345 -31.43 -6.34 0.81
CA TRP A 345 -30.86 -6.18 2.16
C TRP A 345 -29.38 -5.83 2.05
N PRO A 346 -28.98 -4.65 2.55
CA PRO A 346 -27.56 -4.32 2.53
C PRO A 346 -26.72 -5.29 3.36
N LEU A 347 -25.59 -5.67 2.78
CA LEU A 347 -24.67 -6.63 3.38
C LEU A 347 -23.43 -5.92 3.92
N TYR A 348 -23.00 -6.37 5.09
CA TYR A 348 -21.80 -5.81 5.77
C TYR A 348 -21.86 -4.30 5.84
N SER A 349 -23.01 -3.80 6.22
CA SER A 349 -23.32 -2.40 6.05
C SER A 349 -22.77 -1.52 7.16
N TYR A 350 -22.59 -0.27 6.77
CA TYR A 350 -22.18 0.82 7.63
C TYR A 350 -23.02 2.07 7.32
N GLY A 351 -23.50 2.73 8.36
CA GLY A 351 -24.31 3.94 8.22
C GLY A 351 -25.75 3.73 8.59
N ARG A 352 -26.61 4.58 8.05
CA ARG A 352 -28.04 4.48 8.24
C ARG A 352 -28.63 3.76 7.04
N CYS A 353 -29.00 2.51 7.25
CA CYS A 353 -29.37 1.65 6.13
C CYS A 353 -30.85 1.32 6.02
N PRO A 354 -31.34 1.24 4.78
CA PRO A 354 -32.73 0.99 4.49
C PRO A 354 -33.11 -0.43 4.77
N THR A 355 -34.41 -0.63 4.96
CA THR A 355 -35.00 -1.96 5.10
C THR A 355 -35.58 -2.43 3.77
N ALA A 356 -35.42 -3.72 3.50
CA ALA A 356 -36.00 -4.33 2.31
C ALA A 356 -37.30 -5.04 2.70
N ALA A 357 -37.81 -4.72 3.88
CA ALA A 357 -39.11 -5.30 4.32
C ALA A 357 -40.31 -4.65 3.62
N ASP A 358 -41.42 -5.36 3.70
CA ASP A 358 -42.69 -4.89 3.08
C ASP A 358 -43.04 -3.41 3.35
C1 NAG B . 17.49 -19.45 10.70
C2 NAG B . 17.62 -20.54 11.73
C3 NAG B . 18.97 -20.49 12.49
C4 NAG B . 20.15 -20.29 11.56
C5 NAG B . 19.86 -19.09 10.68
C6 NAG B . 21.02 -18.75 9.72
C7 NAG B . 15.73 -21.42 13.02
C8 NAG B . 15.99 -22.69 12.29
N2 NAG B . 16.54 -20.42 12.71
O3 NAG B . 19.15 -21.64 13.31
O4 NAG B . 21.27 -20.01 12.37
O5 NAG B . 18.68 -19.36 9.92
O6 NAG B . 21.22 -19.82 8.82
O7 NAG B . 14.82 -21.33 13.85
C1 NAG B . 22.44 -20.73 11.87
C2 NAG B . 23.62 -20.41 12.76
C3 NAG B . 24.88 -21.18 12.30
C4 NAG B . 24.61 -22.67 12.18
C5 NAG B . 23.29 -22.94 11.43
C6 NAG B . 22.87 -24.37 11.72
C7 NAG B . 23.55 -18.12 13.66
C8 NAG B . 22.86 -18.62 14.87
N2 NAG B . 23.88 -19.00 12.70
O3 NAG B . 25.89 -20.97 13.26
O4 NAG B . 25.66 -23.29 11.47
O5 NAG B . 22.22 -22.12 11.86
O6 NAG B . 22.31 -24.89 10.55
O7 NAG B . 23.82 -16.90 13.54
C1 NAG C . -7.23 -12.69 -8.32
C2 NAG C . -8.59 -13.26 -7.91
C3 NAG C . -8.48 -14.76 -7.69
C4 NAG C . -7.91 -15.43 -8.93
C5 NAG C . -6.63 -14.75 -9.39
C6 NAG C . -6.28 -15.26 -10.78
C7 NAG C . -9.97 -11.66 -6.65
C8 NAG C . -10.36 -11.22 -5.26
N2 NAG C . -9.11 -12.68 -6.68
O3 NAG C . -9.77 -15.24 -7.36
O4 NAG C . -7.61 -16.80 -8.68
O5 NAG C . -6.75 -13.34 -9.47
O6 NAG C . -4.99 -14.79 -11.09
O7 NAG C . -10.43 -11.09 -7.64
C1 NAG D . 5.08 13.27 6.32
C2 NAG D . 6.34 13.31 7.17
C3 NAG D . 5.96 13.41 8.64
C4 NAG D . 5.03 14.58 8.89
C5 NAG D . 3.82 14.45 7.97
C6 NAG D . 2.92 15.67 8.09
C7 NAG D . 8.28 12.02 6.32
C8 NAG D . 8.76 13.27 5.68
N2 NAG D . 7.13 12.11 7.00
O3 NAG D . 7.14 13.50 9.42
O4 NAG D . 4.61 14.60 10.25
O5 NAG D . 4.24 14.37 6.61
O6 NAG D . 3.60 16.86 7.70
O7 NAG D . 8.95 10.99 6.18
C1 NAG E . -38.06 7.11 0.78
C2 NAG E . -39.55 7.37 0.92
C3 NAG E . -39.97 8.12 -0.32
C4 NAG E . -39.13 9.38 -0.52
C5 NAG E . -37.64 9.11 -0.33
C6 NAG E . -36.84 10.41 -0.26
C7 NAG E . -40.84 5.77 2.23
C8 NAG E . -40.64 6.62 3.44
N2 NAG E . -40.30 6.14 1.07
O3 NAG E . -41.33 8.44 -0.15
O4 NAG E . -39.33 9.91 -1.82
O5 NAG E . -37.44 8.37 0.86
O6 NAG E . -37.29 11.13 0.87
O7 NAG E . -41.46 4.72 2.33
C1 NAG F . -12.56 -4.85 -12.81
C2 NAG F . -11.83 -6.17 -12.66
C3 NAG F . -11.28 -6.63 -14.01
C4 NAG F . -12.35 -6.54 -15.11
C5 NAG F . -12.99 -5.15 -15.08
C6 NAG F . -14.06 -5.04 -16.15
C7 NAG F . -10.71 -6.70 -10.58
C8 NAG F . -9.55 -6.44 -9.65
N2 NAG F . -10.75 -6.02 -11.71
O3 NAG F . -10.76 -7.94 -13.90
O4 NAG F . -11.72 -6.73 -16.35
O5 NAG F . -13.57 -4.96 -13.81
O6 NAG F . -15.08 -5.92 -15.80
O7 NAG F . -11.60 -7.50 -10.29
C1 NAG G . -8.16 19.03 -22.41
C2 NAG G . -8.24 19.95 -23.63
C3 NAG G . -9.26 19.49 -24.67
C4 NAG G . -9.28 17.97 -24.86
C5 NAG G . -9.07 17.24 -23.52
C6 NAG G . -8.92 15.75 -23.75
C7 NAG G . -7.66 22.27 -23.28
C8 NAG G . -8.09 23.62 -22.80
N2 NAG G . -8.56 21.30 -23.20
O3 NAG G . -8.95 20.12 -25.90
O4 NAG G . -10.49 17.56 -25.47
O5 NAG G . -7.92 17.73 -22.89
O6 NAG G . -7.70 15.55 -24.43
O7 NAG G . -6.52 22.10 -23.73
OA4 SIO H . 22.68 -15.00 -10.77
CA4 SIO H . 23.55 -14.93 -9.92
CM4 SIO H . 23.88 -16.06 -9.00
O4 SIO H . 24.30 -13.69 -9.82
C4 SIO H . 25.31 -13.67 -8.80
C5 SIO H . 24.90 -12.73 -7.67
N5 SIO H . 23.92 -13.48 -6.90
C10 SIO H . 22.62 -13.28 -7.09
O10 SIO H . 22.21 -12.42 -7.87
C11 SIO H . 21.68 -14.13 -6.27
C3 SIO H . 26.62 -13.25 -9.47
C2 SIO H . 27.72 -12.83 -8.50
O2 SIO H . 28.74 -12.17 -9.24
CM2 SIO H . 29.62 -11.50 -8.35
C1 SIO H . 28.30 -14.06 -7.82
O1B SIO H . 28.23 -15.15 -8.42
O1A SIO H . 28.83 -13.95 -6.69
O6 SIO H . 27.18 -11.91 -7.54
C6 SIO H . 26.09 -12.41 -6.77
C7 SIO H . 25.83 -11.33 -5.74
O7 SIO H . 25.20 -10.22 -6.37
C8 SIO H . 27.14 -10.88 -5.12
O8 SIO H . 27.86 -12.05 -4.76
C9 SIO H . 26.89 -10.03 -3.89
O9 SIO H . 26.08 -10.80 -3.00
CA9 SIO H . 25.67 -10.23 -1.73
OA9 SIO H . 25.86 -9.02 -1.56
CM9 SIO H . 25.03 -11.16 -0.72
K K I . 19.50 -11.13 6.60
C ACY J . -0.84 7.76 -12.65
O ACY J . -0.39 8.06 -11.51
OXT ACY J . -0.23 8.00 -13.71
CH3 ACY J . -2.19 7.15 -12.76
#